data_6D31
#
_entry.id   6D31
#
_cell.length_a   41.430
_cell.length_b   52.077
_cell.length_c   46.240
_cell.angle_alpha   90.00
_cell.angle_beta   106.26
_cell.angle_gamma   90.00
#
_symmetry.space_group_name_H-M   'P 1 21 1'
#
loop_
_entity.id
_entity.type
_entity.pdbx_description
1 polymer 'U6 snRNA phosphodiesterase'
2 non-polymer 'ADENOSINE MONOPHOSPHATE'
3 non-polymer 'CHLORIDE ION'
4 non-polymer GLYCEROL
5 water water
#
_entity_poly.entity_id   1
_entity_poly.type   'polypeptide(L)'
_entity_poly.pdbx_seq_one_letter_code
;GAHMGNWATHVYVPYEAKEEFLDLLDVLLPHAQTYVPRLVRMKVFHLSLSQSVVLRHHWILPFVQALKARMTSFHRFFFT
ANQVKIYTNQEKTRTFIGLEVTSGHAQFLDLVSEVDRVMEEFNLTTFYQDPSFHLSLAWCVGDARLQLEGQCLQELQAIV
DGFEDAEVLLRVHTEQVRCKSGNKFFSMPLK
;
_entity_poly.pdbx_strand_id   A
#
loop_
_chem_comp.id
_chem_comp.type
_chem_comp.name
_chem_comp.formula
AMP non-polymer 'ADENOSINE MONOPHOSPHATE' 'C10 H14 N5 O7 P'
CL non-polymer 'CHLORIDE ION' 'Cl -1'
GOL non-polymer GLYCEROL 'C3 H8 O3'
#
# COMPACT_ATOMS: atom_id res chain seq x y z
N MET A 4 0.81 -13.95 25.40
CA MET A 4 1.82 -13.00 24.97
C MET A 4 1.31 -11.84 24.14
N GLY A 5 0.07 -11.45 24.34
CA GLY A 5 -0.45 -10.25 23.72
C GLY A 5 -1.11 -10.53 22.39
N ASN A 6 -1.83 -9.51 21.97
CA ASN A 6 -2.43 -9.48 20.64
C ASN A 6 -1.66 -8.50 19.80
N TRP A 7 -1.30 -8.88 18.59
CA TRP A 7 -0.33 -8.22 17.76
C TRP A 7 -0.94 -7.61 16.52
N ALA A 8 -0.55 -6.38 16.22
CA ALA A 8 -1.00 -5.73 14.99
C ALA A 8 -0.47 -6.46 13.81
N THR A 9 -1.39 -6.85 12.93
CA THR A 9 -1.04 -7.76 11.86
C THR A 9 -1.57 -7.18 10.57
N HIS A 10 -0.76 -7.16 9.54
CA HIS A 10 -1.09 -6.45 8.29
C HIS A 10 -0.34 -7.16 7.17
N VAL A 11 -1.04 -7.41 6.09
CA VAL A 11 -0.51 -8.12 4.93
C VAL A 11 -0.45 -7.14 3.77
N TYR A 12 0.64 -7.19 3.04
CA TYR A 12 0.84 -6.22 1.99
C TYR A 12 1.85 -6.73 0.98
N VAL A 13 1.89 -6.06 -0.15
CA VAL A 13 2.92 -6.25 -1.15
C VAL A 13 3.97 -5.18 -0.93
N PRO A 14 5.18 -5.53 -0.58
CA PRO A 14 6.25 -4.51 -0.42
C PRO A 14 6.52 -3.87 -1.77
N TYR A 15 6.79 -2.57 -1.74
CA TYR A 15 7.20 -1.87 -2.93
C TYR A 15 8.63 -1.47 -2.73
N GLU A 16 9.46 -1.85 -3.67
CA GLU A 16 10.88 -1.56 -3.62
C GLU A 16 11.10 -0.12 -3.92
N ALA A 17 11.52 0.66 -2.96
CA ALA A 17 11.68 2.10 -3.18
C ALA A 17 13.09 2.37 -3.66
N LYS A 18 13.26 2.34 -4.95
CA LYS A 18 14.50 2.59 -5.63
C LYS A 18 14.83 4.08 -5.54
N GLU A 19 16.06 4.40 -5.86
CA GLU A 19 16.44 5.80 -5.88
C GLU A 19 15.58 6.62 -6.82
N GLU A 20 15.26 6.09 -8.02
N GLU A 20 15.23 6.07 -7.99
CA GLU A 20 14.40 6.84 -8.93
CA GLU A 20 14.43 6.82 -8.92
C GLU A 20 13.11 7.22 -8.24
C GLU A 20 13.10 7.19 -8.32
N PHE A 21 12.50 6.28 -7.56
CA PHE A 21 11.26 6.56 -6.89
C PHE A 21 11.42 7.59 -5.78
N LEU A 22 12.46 7.40 -4.95
CA LEU A 22 12.66 8.33 -3.85
C LEU A 22 13.00 9.70 -4.38
N ASP A 23 13.68 9.76 -5.49
CA ASP A 23 13.97 11.04 -6.11
C ASP A 23 12.73 11.72 -6.69
N LEU A 24 11.80 10.93 -7.26
CA LEU A 24 10.53 11.49 -7.64
C LEU A 24 9.81 12.04 -6.43
N LEU A 25 9.82 11.28 -5.32
CA LEU A 25 9.18 11.79 -4.12
C LEU A 25 9.85 13.06 -3.63
N ASP A 26 11.12 13.23 -3.89
CA ASP A 26 11.80 14.49 -3.52
C ASP A 26 11.26 15.67 -4.27
N VAL A 27 10.60 15.46 -5.41
CA VAL A 27 9.90 16.52 -6.10
C VAL A 27 8.44 16.59 -5.69
N LEU A 28 7.79 15.45 -5.62
CA LEU A 28 6.38 15.43 -5.33
C LEU A 28 6.07 15.94 -3.95
N LEU A 29 6.81 15.46 -2.97
CA LEU A 29 6.47 15.77 -1.59
C LEU A 29 6.61 17.23 -1.28
N PRO A 30 7.71 17.91 -1.64
CA PRO A 30 7.72 19.34 -1.40
C PRO A 30 6.64 20.05 -2.09
N HIS A 31 6.22 19.60 -3.27
CA HIS A 31 5.12 20.26 -3.90
C HIS A 31 3.87 20.14 -3.05
N ALA A 32 3.57 18.92 -2.59
CA ALA A 32 2.41 18.76 -1.75
C ALA A 32 2.56 19.55 -0.44
N GLN A 33 3.78 19.66 0.08
CA GLN A 33 4.02 20.37 1.30
C GLN A 33 3.80 21.88 1.13
N THR A 34 3.72 22.42 -0.06
CA THR A 34 3.34 23.81 -0.23
C THR A 34 1.88 23.98 0.10
N TYR A 35 1.09 22.92 0.05
CA TYR A 35 -0.29 22.94 0.49
C TYR A 35 -0.45 22.45 1.91
N VAL A 36 0.23 21.39 2.29
CA VAL A 36 0.15 20.83 3.63
C VAL A 36 1.56 20.51 4.10
N PRO A 37 2.22 21.50 4.72
CA PRO A 37 3.58 21.27 5.16
C PRO A 37 3.79 20.08 6.07
N ARG A 38 2.81 19.75 6.86
CA ARG A 38 2.99 18.71 7.89
C ARG A 38 2.99 17.30 7.34
N LEU A 39 2.82 17.13 6.04
CA LEU A 39 2.98 15.81 5.44
C LEU A 39 4.35 15.29 5.72
N VAL A 40 4.40 13.99 5.98
N VAL A 40 4.42 14.00 6.05
CA VAL A 40 5.63 13.27 6.26
CA VAL A 40 5.68 13.31 6.21
C VAL A 40 5.72 12.08 5.30
C VAL A 40 5.71 12.14 5.23
N ARG A 41 6.87 11.89 4.69
CA ARG A 41 7.11 10.78 3.79
C ARG A 41 6.98 9.48 4.50
N MET A 42 6.43 8.48 3.79
CA MET A 42 6.46 7.14 4.32
CA MET A 42 6.46 7.13 4.33
C MET A 42 7.90 6.65 4.41
N LYS A 43 8.16 5.82 5.41
CA LYS A 43 9.49 5.26 5.62
C LYS A 43 9.68 4.01 4.82
N VAL A 44 8.56 3.32 4.59
N VAL A 44 8.60 3.27 4.66
CA VAL A 44 8.52 2.04 3.88
CA VAL A 44 8.55 2.05 3.87
C VAL A 44 7.17 1.88 3.16
C VAL A 44 7.36 2.23 2.97
N PHE A 45 7.29 1.40 1.96
CA PHE A 45 6.26 1.57 0.98
C PHE A 45 5.66 0.20 0.69
N HIS A 46 4.34 0.20 0.61
N HIS A 46 4.37 0.16 0.51
CA HIS A 46 3.57 -1.03 0.60
CA HIS A 46 3.76 -1.12 0.18
C HIS A 46 2.29 -0.80 -0.18
C HIS A 46 2.32 -0.85 -0.22
N LEU A 47 1.70 -1.91 -0.69
CA LEU A 47 0.33 -1.91 -1.15
C LEU A 47 -0.42 -2.92 -0.28
N SER A 48 -1.32 -2.44 0.53
CA SER A 48 -2.07 -3.29 1.45
C SER A 48 -2.92 -4.34 0.75
N LEU A 49 -2.98 -5.48 1.38
CA LEU A 49 -3.86 -6.59 1.04
C LEU A 49 -4.79 -6.93 2.13
N SER A 50 -4.63 -6.33 3.30
CA SER A 50 -5.51 -6.57 4.41
C SER A 50 -5.65 -5.26 5.18
N GLN A 51 -6.67 -5.25 6.03
CA GLN A 51 -6.75 -4.23 7.08
C GLN A 51 -5.67 -4.53 8.11
N SER A 52 -5.40 -3.55 8.95
CA SER A 52 -4.57 -3.80 10.11
CA SER A 52 -4.57 -3.76 10.12
C SER A 52 -5.49 -4.36 11.17
N VAL A 53 -5.19 -5.57 11.57
CA VAL A 53 -6.02 -6.32 12.48
C VAL A 53 -5.20 -6.68 13.68
N VAL A 54 -5.81 -7.29 14.65
CA VAL A 54 -5.07 -7.75 15.81
CA VAL A 54 -5.14 -7.72 15.86
C VAL A 54 -5.23 -9.24 15.96
N LEU A 55 -4.13 -9.91 16.17
CA LEU A 55 -4.09 -11.34 16.15
C LEU A 55 -3.37 -11.85 17.40
N ARG A 56 -3.92 -12.87 18.02
CA ARG A 56 -3.29 -13.44 19.24
C ARG A 56 -1.94 -14.02 18.88
N HIS A 57 -1.02 -13.82 19.81
CA HIS A 57 0.34 -14.19 19.57
C HIS A 57 0.50 -15.60 19.07
N HIS A 58 -0.16 -16.56 19.67
CA HIS A 58 0.15 -17.93 19.27
C HIS A 58 -0.34 -18.24 17.90
N TRP A 59 -1.17 -17.37 17.29
CA TRP A 59 -1.58 -17.59 15.94
C TRP A 59 -0.74 -16.86 14.90
N ILE A 60 0.29 -16.12 15.29
CA ILE A 60 1.06 -15.40 14.30
C ILE A 60 1.75 -16.35 13.34
N LEU A 61 2.52 -17.28 13.87
CA LEU A 61 3.22 -18.18 12.98
C LEU A 61 2.27 -19.02 12.18
N PRO A 62 1.21 -19.58 12.74
CA PRO A 62 0.23 -20.30 11.90
C PRO A 62 -0.38 -19.44 10.84
N PHE A 63 -0.68 -18.20 11.13
CA PHE A 63 -1.26 -17.30 10.16
C PHE A 63 -0.28 -17.10 9.01
N VAL A 64 0.96 -16.83 9.35
CA VAL A 64 1.98 -16.64 8.34
C VAL A 64 2.12 -17.89 7.48
N GLN A 65 2.07 -19.07 8.11
CA GLN A 65 2.21 -20.27 7.31
C GLN A 65 1.01 -20.43 6.38
N ALA A 66 -0.17 -20.14 6.86
CA ALA A 66 -1.34 -20.20 5.97
C ALA A 66 -1.13 -19.28 4.79
N LEU A 67 -0.66 -18.05 5.04
CA LEU A 67 -0.45 -17.11 3.94
C LEU A 67 0.60 -17.66 2.97
N LYS A 68 1.69 -18.17 3.52
CA LYS A 68 2.77 -18.64 2.66
C LYS A 68 2.27 -19.72 1.74
N ALA A 69 1.45 -20.63 2.25
CA ALA A 69 0.96 -21.70 1.40
C ALA A 69 0.16 -21.15 0.25
N ARG A 70 -0.68 -20.14 0.49
CA ARG A 70 -1.49 -19.59 -0.60
C ARG A 70 -0.69 -18.72 -1.53
N MET A 71 0.27 -17.98 -1.01
CA MET A 71 0.99 -17.07 -1.88
C MET A 71 2.00 -17.80 -2.74
N THR A 72 2.48 -18.93 -2.27
CA THR A 72 3.43 -19.73 -3.00
C THR A 72 2.91 -20.11 -4.37
N SER A 73 1.59 -20.28 -4.51
CA SER A 73 0.97 -20.66 -5.74
C SER A 73 0.46 -19.51 -6.57
N PHE A 74 0.63 -18.28 -6.11
CA PHE A 74 0.02 -17.16 -6.73
C PHE A 74 1.05 -16.57 -7.67
N HIS A 75 0.64 -16.43 -8.92
CA HIS A 75 1.60 -15.95 -9.89
C HIS A 75 1.87 -14.45 -9.76
N ARG A 76 3.16 -14.11 -9.89
CA ARG A 76 3.55 -12.71 -9.93
C ARG A 76 2.90 -12.02 -11.10
N PHE A 77 2.84 -10.70 -11.02
CA PHE A 77 2.15 -9.92 -12.03
C PHE A 77 2.68 -8.50 -12.02
N PHE A 78 2.32 -7.78 -13.06
CA PHE A 78 2.70 -6.38 -13.21
C PHE A 78 1.52 -5.50 -12.88
N PHE A 79 1.79 -4.30 -12.34
CA PHE A 79 0.75 -3.33 -12.17
C PHE A 79 1.27 -1.93 -12.44
N THR A 80 0.33 -1.04 -12.57
CA THR A 80 0.62 0.36 -12.77
C THR A 80 0.04 1.11 -11.58
N ALA A 81 0.87 2.01 -10.99
CA ALA A 81 0.36 2.84 -9.89
C ALA A 81 0.86 4.25 -10.15
N ASN A 82 0.16 5.01 -10.97
CA ASN A 82 0.59 6.34 -11.35
C ASN A 82 -0.51 7.38 -11.26
N GLN A 83 -1.60 7.06 -10.58
CA GLN A 83 -2.70 7.99 -10.42
C GLN A 83 -2.73 8.48 -8.99
N VAL A 84 -2.52 9.77 -8.81
CA VAL A 84 -2.45 10.31 -7.45
C VAL A 84 -3.85 10.38 -6.89
N LYS A 85 -3.99 9.97 -5.65
CA LYS A 85 -5.26 9.96 -4.96
C LYS A 85 -5.04 10.26 -3.50
N ILE A 86 -6.01 10.94 -2.93
CA ILE A 86 -5.99 11.26 -1.51
C ILE A 86 -6.86 10.26 -0.76
N TYR A 87 -6.34 9.68 0.28
CA TYR A 87 -7.03 8.73 1.13
C TYR A 87 -7.10 9.28 2.52
N THR A 88 -8.14 8.91 3.25
CA THR A 88 -8.16 9.07 4.69
C THR A 88 -8.38 7.70 5.31
N ASN A 89 -7.93 7.58 6.54
CA ASN A 89 -8.36 6.43 7.30
C ASN A 89 -9.85 6.57 7.65
N GLN A 90 -10.37 5.51 8.27
CA GLN A 90 -11.82 5.48 8.47
C GLN A 90 -12.30 6.60 9.40
N GLU A 91 -11.52 6.97 10.39
CA GLU A 91 -11.90 8.03 11.32
C GLU A 91 -11.62 9.41 10.79
N LYS A 92 -10.96 9.51 9.63
CA LYS A 92 -10.52 10.80 9.07
C LYS A 92 -9.60 11.54 10.01
N THR A 93 -8.77 10.80 10.74
CA THR A 93 -7.71 11.35 11.57
C THR A 93 -6.35 11.26 10.91
N ARG A 94 -6.24 10.62 9.76
CA ARG A 94 -5.01 10.56 8.98
C ARG A 94 -5.38 10.72 7.52
N THR A 95 -4.56 11.44 6.82
CA THR A 95 -4.71 11.62 5.40
C THR A 95 -3.46 11.14 4.72
N PHE A 96 -3.61 10.56 3.54
CA PHE A 96 -2.54 9.97 2.81
C PHE A 96 -2.59 10.46 1.37
N ILE A 97 -1.41 10.70 0.80
CA ILE A 97 -1.28 10.86 -0.65
C ILE A 97 -0.80 9.54 -1.13
N GLY A 98 -1.53 8.90 -2.08
CA GLY A 98 -1.15 7.63 -2.58
C GLY A 98 -1.15 7.63 -4.09
N LEU A 99 -0.58 6.58 -4.63
CA LEU A 99 -0.63 6.28 -6.07
C LEU A 99 -1.54 5.04 -6.19
N GLU A 100 -2.66 5.28 -6.80
CA GLU A 100 -3.68 4.24 -6.95
C GLU A 100 -3.33 3.36 -8.13
N VAL A 101 -3.53 2.06 -7.91
CA VAL A 101 -3.34 1.05 -8.96
C VAL A 101 -4.47 1.10 -9.96
N THR A 102 -4.07 1.05 -11.24
CA THR A 102 -5.06 0.93 -12.34
C THR A 102 -4.85 -0.45 -12.93
N SER A 103 -4.05 -0.59 -13.96
CA SER A 103 -3.72 -1.90 -14.48
C SER A 103 -3.14 -2.70 -13.34
N GLY A 104 -3.58 -3.94 -13.24
CA GLY A 104 -3.18 -4.82 -12.16
C GLY A 104 -4.12 -4.90 -11.01
N HIS A 105 -5.14 -4.06 -10.99
CA HIS A 105 -6.09 -4.06 -9.91
C HIS A 105 -6.77 -5.39 -9.76
N ALA A 106 -7.19 -6.00 -10.88
CA ALA A 106 -7.83 -7.30 -10.83
C ALA A 106 -6.92 -8.36 -10.22
N GLN A 107 -5.61 -8.34 -10.51
N GLN A 107 -5.61 -8.35 -10.52
CA GLN A 107 -4.69 -9.28 -9.90
CA GLN A 107 -4.70 -9.29 -9.88
C GLN A 107 -4.55 -9.02 -8.41
C GLN A 107 -4.65 -9.02 -8.38
N PHE A 108 -4.61 -7.75 -7.98
CA PHE A 108 -4.66 -7.46 -6.56
C PHE A 108 -5.92 -8.01 -5.92
N LEU A 109 -7.05 -7.91 -6.64
CA LEU A 109 -8.27 -8.49 -6.12
C LEU A 109 -8.10 -9.99 -5.88
N ASP A 110 -7.47 -10.66 -6.85
CA ASP A 110 -7.25 -12.09 -6.67
C ASP A 110 -6.37 -12.34 -5.46
N LEU A 111 -5.32 -11.53 -5.29
CA LEU A 111 -4.48 -11.69 -4.10
C LEU A 111 -5.31 -11.54 -2.82
N VAL A 112 -6.11 -10.48 -2.77
CA VAL A 112 -6.93 -10.23 -1.61
C VAL A 112 -7.89 -11.37 -1.39
N SER A 113 -8.41 -11.98 -2.47
CA SER A 113 -9.34 -13.07 -2.20
CA SER A 113 -9.34 -13.07 -2.21
C SER A 113 -8.63 -14.17 -1.42
N GLU A 114 -7.36 -14.42 -1.72
CA GLU A 114 -6.58 -15.42 -0.99
C GLU A 114 -6.30 -14.94 0.43
N VAL A 115 -5.86 -13.68 0.59
CA VAL A 115 -5.63 -13.19 1.92
C VAL A 115 -6.85 -13.21 2.75
N ASP A 116 -7.96 -12.81 2.17
CA ASP A 116 -9.24 -12.79 2.87
C ASP A 116 -9.60 -14.16 3.39
N ARG A 117 -9.30 -15.22 2.62
CA ARG A 117 -9.60 -16.54 3.13
C ARG A 117 -8.83 -16.81 4.41
N VAL A 118 -7.57 -16.40 4.43
CA VAL A 118 -6.79 -16.57 5.63
C VAL A 118 -7.35 -15.75 6.76
N MET A 119 -7.73 -14.51 6.47
CA MET A 119 -8.36 -13.71 7.51
C MET A 119 -9.52 -14.46 8.12
N GLU A 120 -10.40 -14.96 7.24
CA GLU A 120 -11.57 -15.66 7.78
C GLU A 120 -11.18 -16.88 8.59
N GLU A 121 -10.12 -17.57 8.17
CA GLU A 121 -9.64 -18.76 8.89
C GLU A 121 -9.23 -18.41 10.31
N PHE A 122 -8.82 -17.17 10.53
CA PHE A 122 -8.35 -16.71 11.85
C PHE A 122 -9.32 -15.75 12.49
N ASN A 123 -10.52 -15.62 11.97
CA ASN A 123 -11.55 -14.81 12.56
C ASN A 123 -11.12 -13.33 12.54
N LEU A 124 -10.48 -12.89 11.47
CA LEU A 124 -10.03 -11.51 11.30
C LEU A 124 -10.86 -10.87 10.20
N THR A 125 -10.88 -9.56 10.25
CA THR A 125 -11.65 -8.78 9.31
C THR A 125 -11.06 -8.92 7.93
N THR A 126 -11.94 -9.06 6.93
CA THR A 126 -11.50 -9.11 5.56
C THR A 126 -11.40 -7.68 4.99
N PHE A 127 -10.83 -7.59 3.80
CA PHE A 127 -10.42 -6.29 3.26
C PHE A 127 -11.67 -5.50 2.85
N TYR A 128 -11.46 -4.24 2.58
CA TYR A 128 -12.57 -3.40 2.10
C TYR A 128 -13.25 -4.00 0.90
N GLN A 129 -14.60 -3.93 0.83
CA GLN A 129 -15.29 -4.50 -0.37
C GLN A 129 -15.15 -3.62 -1.61
N ASP A 130 -14.82 -2.32 -1.43
N ASP A 130 -14.78 -2.35 -1.44
CA ASP A 130 -14.54 -1.42 -2.53
CA ASP A 130 -14.53 -1.44 -2.54
C ASP A 130 -13.07 -1.05 -2.46
C ASP A 130 -13.05 -1.06 -2.48
N PRO A 131 -12.17 -2.01 -2.61
CA PRO A 131 -10.76 -1.72 -2.40
C PRO A 131 -10.22 -0.80 -3.45
N SER A 132 -9.33 0.08 -3.01
CA SER A 132 -8.59 0.96 -3.91
C SER A 132 -7.15 0.70 -3.59
N PHE A 133 -6.47 -0.10 -4.36
CA PHE A 133 -5.12 -0.51 -4.03
C PHE A 133 -4.23 0.69 -4.33
N HIS A 134 -3.24 0.88 -3.48
CA HIS A 134 -2.43 2.08 -3.66
C HIS A 134 -1.16 1.93 -2.89
N LEU A 135 -0.21 2.75 -3.32
CA LEU A 135 1.05 2.94 -2.63
C LEU A 135 0.98 4.30 -1.98
N SER A 136 0.86 4.34 -0.68
CA SER A 136 0.92 5.63 0.04
C SER A 136 2.31 6.18 0.01
N LEU A 137 2.39 7.50 -0.25
CA LEU A 137 3.68 8.17 -0.34
C LEU A 137 3.98 9.05 0.86
N ALA A 138 2.96 9.60 1.48
CA ALA A 138 3.11 10.55 2.54
C ALA A 138 1.80 10.60 3.28
N TRP A 139 1.86 11.05 4.54
CA TRP A 139 0.67 11.09 5.39
C TRP A 139 0.76 12.29 6.31
N CYS A 140 -0.39 12.65 6.85
CA CYS A 140 -0.43 13.63 7.91
C CYS A 140 -1.54 13.29 8.86
N VAL A 141 -1.50 13.93 10.02
CA VAL A 141 -2.59 13.91 10.96
C VAL A 141 -3.69 14.83 10.49
N GLY A 142 -4.90 14.44 10.81
CA GLY A 142 -6.06 15.21 10.47
C GLY A 142 -6.56 14.85 9.09
N ASP A 143 -7.61 15.56 8.71
CA ASP A 143 -8.28 15.43 7.41
C ASP A 143 -7.88 16.57 6.51
N ALA A 144 -6.90 16.32 5.65
CA ALA A 144 -6.34 17.35 4.81
C ALA A 144 -6.90 17.26 3.37
N ARG A 145 -8.02 16.59 3.18
CA ARG A 145 -8.56 16.47 1.84
C ARG A 145 -8.80 17.84 1.22
N LEU A 146 -9.28 18.80 2.00
CA LEU A 146 -9.65 20.06 1.37
C LEU A 146 -8.44 20.78 0.79
N GLN A 147 -7.29 20.56 1.40
CA GLN A 147 -6.09 21.25 0.94
C GLN A 147 -5.42 20.51 -0.19
N LEU A 148 -5.55 19.18 -0.20
CA LEU A 148 -4.82 18.38 -1.15
C LEU A 148 -5.60 18.03 -2.41
N GLU A 149 -6.90 17.89 -2.29
CA GLU A 149 -7.67 17.62 -3.49
C GLU A 149 -7.79 18.92 -4.30
N GLY A 150 -8.08 18.76 -5.54
CA GLY A 150 -8.24 19.90 -6.45
C GLY A 150 -6.91 20.34 -7.01
N GLN A 151 -6.55 21.60 -6.82
CA GLN A 151 -5.36 22.13 -7.48
C GLN A 151 -4.11 21.34 -7.14
N CYS A 152 -3.88 21.05 -5.88
CA CYS A 152 -2.66 20.36 -5.50
C CYS A 152 -2.61 18.99 -6.18
N LEU A 153 -3.71 18.24 -6.11
CA LEU A 153 -3.70 16.92 -6.70
C LEU A 153 -3.43 16.98 -8.17
N GLN A 154 -4.05 17.95 -8.85
N GLN A 154 -4.07 17.94 -8.87
CA GLN A 154 -3.83 18.12 -10.27
CA GLN A 154 -3.81 18.13 -10.29
C GLN A 154 -2.37 18.37 -10.57
C GLN A 154 -2.33 18.32 -10.53
N GLU A 155 -1.71 19.19 -9.75
CA GLU A 155 -0.33 19.48 -9.96
C GLU A 155 0.55 18.27 -9.68
N LEU A 156 0.22 17.51 -8.63
CA LEU A 156 0.95 16.29 -8.36
C LEU A 156 0.79 15.30 -9.50
N GLN A 157 -0.43 15.15 -10.02
CA GLN A 157 -0.64 14.26 -11.15
C GLN A 157 0.19 14.68 -12.35
N ALA A 158 0.34 16.01 -12.56
CA ALA A 158 1.09 16.50 -13.70
C ALA A 158 2.55 16.15 -13.54
N ILE A 159 3.06 16.19 -12.32
CA ILE A 159 4.43 15.79 -12.10
C ILE A 159 4.58 14.30 -12.39
N VAL A 160 3.69 13.50 -11.87
CA VAL A 160 3.77 12.05 -12.14
C VAL A 160 3.66 11.77 -13.62
N ASP A 161 2.73 12.45 -14.32
CA ASP A 161 2.49 12.18 -15.74
C ASP A 161 3.76 12.50 -16.51
N GLY A 162 4.55 13.44 -16.00
CA GLY A 162 5.80 13.84 -16.66
C GLY A 162 6.98 12.95 -16.37
N PHE A 163 6.83 11.88 -15.58
CA PHE A 163 7.95 11.03 -15.20
C PHE A 163 8.12 9.79 -16.12
N GLU A 164 9.36 9.51 -16.55
CA GLU A 164 9.64 8.73 -17.76
CA GLU A 164 9.58 8.73 -17.76
C GLU A 164 9.98 7.28 -17.53
N ASP A 165 10.38 6.85 -16.33
CA ASP A 165 10.77 5.43 -16.26
C ASP A 165 9.58 4.52 -15.97
N ALA A 166 9.17 3.74 -16.97
CA ALA A 166 8.01 2.88 -16.83
C ALA A 166 8.18 1.86 -15.70
N GLU A 167 9.38 1.41 -15.42
CA GLU A 167 9.51 0.36 -14.41
C GLU A 167 9.15 0.87 -13.02
N VAL A 168 9.18 2.19 -12.78
CA VAL A 168 9.01 2.65 -11.41
C VAL A 168 7.57 2.62 -11.03
N LEU A 169 6.70 3.15 -11.91
CA LEU A 169 5.29 3.26 -11.62
C LEU A 169 4.44 2.59 -12.63
N LEU A 170 4.88 2.47 -13.89
N LEU A 170 4.90 2.49 -13.88
CA LEU A 170 3.97 2.00 -14.92
CA LEU A 170 4.02 2.03 -14.96
C LEU A 170 3.96 0.50 -15.08
C LEU A 170 3.95 0.51 -15.06
N ARG A 171 5.04 -0.17 -14.77
CA ARG A 171 5.12 -1.59 -14.96
C ARG A 171 5.93 -2.17 -13.82
N VAL A 172 5.27 -2.23 -12.66
CA VAL A 172 5.87 -2.68 -11.43
C VAL A 172 5.58 -4.16 -11.31
N HIS A 173 6.59 -4.96 -10.99
CA HIS A 173 6.40 -6.40 -10.91
C HIS A 173 6.27 -6.76 -9.44
N THR A 174 5.20 -7.43 -9.07
CA THR A 174 5.13 -7.94 -7.71
C THR A 174 6.06 -9.15 -7.56
N GLU A 175 6.69 -9.24 -6.45
CA GLU A 175 7.67 -10.29 -6.20
C GLU A 175 7.35 -11.07 -4.95
N GLN A 176 6.76 -10.42 -3.97
CA GLN A 176 6.59 -11.01 -2.67
C GLN A 176 5.40 -10.39 -2.00
N VAL A 177 4.94 -11.11 -1.01
CA VAL A 177 3.97 -10.63 -0.05
C VAL A 177 4.65 -10.67 1.31
N ARG A 178 4.22 -9.77 2.17
CA ARG A 178 4.78 -9.69 3.49
C ARG A 178 3.69 -9.51 4.51
N CYS A 179 3.89 -10.10 5.66
CA CYS A 179 2.99 -9.92 6.80
C CYS A 179 3.81 -9.29 7.90
N LYS A 180 3.38 -8.13 8.34
CA LYS A 180 3.91 -7.55 9.56
C LYS A 180 3.05 -8.03 10.70
N SER A 181 3.67 -8.44 11.80
CA SER A 181 2.89 -8.70 13.00
C SER A 181 3.72 -8.10 14.12
N GLY A 182 3.17 -7.05 14.76
CA GLY A 182 3.98 -6.31 15.72
C GLY A 182 5.21 -5.79 15.03
N ASN A 183 6.36 -6.07 15.62
CA ASN A 183 7.63 -5.68 15.08
C ASN A 183 8.28 -6.75 14.26
N LYS A 184 7.53 -7.79 13.89
CA LYS A 184 8.07 -8.92 13.15
C LYS A 184 7.55 -8.79 11.71
N PHE A 185 8.41 -9.15 10.76
CA PHE A 185 8.05 -9.08 9.34
C PHE A 185 8.37 -10.37 8.66
N PHE A 186 7.33 -10.97 8.06
CA PHE A 186 7.43 -12.29 7.45
C PHE A 186 7.19 -12.19 5.96
N SER A 187 8.17 -12.51 5.19
CA SER A 187 8.18 -12.39 3.74
C SER A 187 7.85 -13.72 3.08
N MET A 188 7.29 -13.66 1.88
CA MET A 188 7.07 -14.85 1.12
C MET A 188 7.04 -14.56 -0.35
N PRO A 189 7.62 -15.43 -1.14
CA PRO A 189 7.70 -15.17 -2.57
C PRO A 189 6.39 -15.56 -3.22
N LEU A 190 6.00 -14.81 -4.23
CA LEU A 190 5.00 -15.24 -5.16
C LEU A 190 5.63 -16.22 -6.15
N LYS A 191 4.82 -16.92 -6.89
CA LYS A 191 5.34 -17.92 -7.84
C LYS A 191 5.93 -17.15 -9.08
P AMP B . -2.39 2.13 3.56
O1P AMP B . -2.72 0.85 2.84
O2P AMP B . -2.14 1.93 5.02
O3P AMP B . -1.31 2.94 2.99
O5' AMP B . -3.72 2.99 3.39
C5' AMP B . -3.92 4.23 4.02
C4' AMP B . -5.36 4.32 4.39
O4' AMP B . -6.17 4.25 3.21
C3' AMP B . -5.92 3.22 5.29
O3' AMP B . -6.17 3.75 6.58
C2' AMP B . -7.25 2.85 4.63
O2' AMP B . -8.34 2.82 5.50
C1' AMP B . -7.42 3.95 3.64
N9 AMP B . -8.34 3.70 2.55
C8 AMP B . -9.39 4.49 2.31
N7 AMP B . -10.17 4.01 1.36
C5 AMP B . -9.57 2.86 0.96
C6 AMP B . -9.91 1.86 0.04
N6 AMP B . -11.06 2.02 -0.66
N1 AMP B . -9.08 0.81 -0.14
C2 AMP B . -7.99 0.71 0.61
N3 AMP B . -7.61 1.56 1.59
C4 AMP B . -8.43 2.60 1.68
H5'1 AMP B . -3.69 4.95 3.41
H5'2 AMP B . -3.37 4.29 4.82
H4' AMP B . -5.52 5.17 4.82
H3' AMP B . -5.34 2.45 5.34
HO3' AMP B . -6.95 3.74 6.90
H2' AMP B . -7.17 2.00 4.16
HO2' AMP B . -8.87 3.43 5.29
H1' AMP B . -7.76 4.72 4.12
H8 AMP B . -9.58 5.26 2.79
HN61 AMP B . -11.28 1.43 -1.25
HN62 AMP B . -11.56 2.69 -0.52
H2 AMP B . -7.48 -0.05 0.49
CL CL C . 0.35 21.89 7.84
C1 GOL D . 17.11 9.57 -2.11
O1 GOL D . 18.56 9.57 -2.19
C2 GOL D . 16.73 10.75 -1.27
O2 GOL D . 17.05 11.95 -2.00
C3 GOL D . 15.25 10.77 -0.87
O3 GOL D . 15.03 11.99 -0.11
H11 GOL D . 16.67 9.65 -3.11
H12 GOL D . 16.75 8.65 -1.65
HO1 GOL D . 18.86 8.77 -2.67
H2 GOL D . 17.32 10.73 -0.36
HO2 GOL D . 16.50 12.01 -2.80
H31 GOL D . 14.62 10.75 -1.76
H32 GOL D . 15.02 9.90 -0.26
HO3 GOL D . 14.12 12.30 -0.25
#